data_4NYB
#
_entry.id   4NYB
#
_cell.length_a   65.243
_cell.length_b   65.243
_cell.length_c   103.269
_cell.angle_alpha   90.000
_cell.angle_beta   90.000
_cell.angle_gamma   120.000
#
_symmetry.space_group_name_H-M   'P 32 1 2'
#
loop_
_entity.id
_entity.type
_entity.pdbx_description
1 polymer 'thiM TPP riboswitch'
2 non-polymer 1-[4-(1,2,3-thiadiazol-4-yl)phenyl]methanamine
3 non-polymer 'MAGNESIUM ION'
4 non-polymer 'MANGANESE (II) ION'
5 water water
#
_entity_poly.entity_id   1
_entity_poly.type   'polyribonucleotide'
_entity_poly.pdbx_seq_one_letter_code
;GCGACUCGGGGUGCCCUUCUGCGUGAAGGCUGAGAAAUACCCGUAUCACCUGAUCUGGAUAAUGCCAGCGUAGGGAAGUC
GC(A23)
;
_entity_poly.pdbx_strand_id   A
#
loop_
_chem_comp.id
_chem_comp.type
_chem_comp.name
_chem_comp.formula
2QC non-polymer 1-[4-(1,2,3-thiadiazol-4-yl)phenyl]methanamine 'C9 H9 N3 S'
A RNA linking ADENOSINE-5'-MONOPHOSPHATE 'C10 H14 N5 O7 P'
A23 RNA linking 'ADENOSINE-5'-PHOSPHATE-2',3'-CYCLIC PHOSPHATE' 'C10 H13 N5 O9 P2'
C RNA linking CYTIDINE-5'-MONOPHOSPHATE 'C9 H14 N3 O8 P'
G RNA linking GUANOSINE-5'-MONOPHOSPHATE 'C10 H14 N5 O8 P'
MG non-polymer 'MAGNESIUM ION' 'Mg 2'
MN non-polymer 'MANGANESE (II) ION' 'Mn 2'
U RNA linking URIDINE-5'-MONOPHOSPHATE 'C9 H13 N2 O9 P'
#
# COMPACT_ATOMS: atom_id res chain seq x y z
PC A23 A 83 -0.42 4.61 -24.36
O1C A23 A 83 -0.52 5.74 -25.33
O2C A23 A 83 -0.23 3.24 -24.90
P A23 A 83 -0.95 2.82 -18.96
OP1 A23 A 83 0.38 2.83 -19.62
OP2 A23 A 83 -1.95 1.79 -19.31
O5' A23 A 83 -1.62 4.25 -19.11
C5' A23 A 83 -2.77 4.46 -19.94
C4' A23 A 83 -2.35 5.06 -21.27
O4' A23 A 83 -1.89 6.41 -21.18
C3' A23 A 83 -1.32 4.27 -22.02
O3' A23 A 83 -1.72 4.55 -23.40
C2' A23 A 83 -0.02 5.08 -21.92
O2' A23 A 83 0.65 4.97 -23.21
C1' A23 A 83 -0.51 6.48 -21.48
N9 A23 A 83 0.08 7.24 -20.37
C8 A23 A 83 0.38 6.87 -19.08
N7 A23 A 83 0.57 7.89 -18.28
C5 A23 A 83 0.46 9.00 -19.12
C6 A23 A 83 0.52 10.38 -18.88
N6 A23 A 83 0.69 10.93 -17.68
N1 A23 A 83 0.38 11.20 -19.94
C2 A23 A 83 0.17 10.66 -21.14
N3 A23 A 83 0.08 9.40 -21.48
C4 A23 A 83 0.23 8.60 -20.41
CAE 2QC B . -0.71 -4.90 21.40
CAF 2QC B . -0.17 -6.17 21.54
CAK 2QC B . 1.18 -6.38 21.29
CAL 2QC B . 1.70 -7.68 21.32
NAM 2QC B . 2.86 -7.80 20.43
CAJ 2QC B . 2.00 -5.31 20.91
CAI 2QC B . 1.44 -4.05 20.78
CAD 2QC B . 0.09 -3.84 21.01
CAC 2QC B . -0.44 -2.64 20.78
NAB 2QC B . 0.33 -1.55 20.63
NAA 2QC B . -0.18 -0.56 20.48
SAG 2QC B . -1.85 -0.76 20.50
CAH 2QC B . -1.75 -2.44 20.74
MG MG C . 6.44 -6.46 26.34
MG MG D . 17.31 -10.49 34.06
MN MN E . -13.01 -16.82 11.94
MG MG F . 3.04 -19.81 32.98
MG MG G . -11.16 3.92 14.35
MG MG H . 2.96 3.35 -20.01
MG MG I . 7.73 -21.18 34.75
MG MG J . 6.28 7.85 28.76
MN MN K . -4.77 -18.49 34.46
MG MG L . 1.35 -7.54 14.18
MN MN M . -7.52 -15.03 21.12
MG MG N . -11.70 -1.66 -2.05
MN MN O . 10.26 -2.29 19.69
#